data_7GX6
#
_entry.id   7GX6
#
_cell.length_a   67.460
_cell.length_b   67.460
_cell.length_c   165.860
_cell.angle_alpha   90.000
_cell.angle_beta   90.000
_cell.angle_gamma   120.000
#
_symmetry.space_group_name_H-M   'P 61 2 2'
#
loop_
_entity.id
_entity.type
_entity.pdbx_description
1 polymer 'B-cell lymphoma 6 protein'
2 polymer 'WVIP tetrapeptide'
3 non-polymer 4-chloro-6-[(2-oxo-2,3-dihydro-1H-indol-5-yl)amino]pyrimidine-5-carbonitrile
4 non-polymer 'CHLORIDE ION'
5 non-polymer 'DIMETHYL SULFOXIDE'
6 water water
#
loop_
_entity_poly.entity_id
_entity_poly.type
_entity_poly.pdbx_seq_one_letter_code
_entity_poly.pdbx_strand_id
1 'polypeptide(L)'
;GPGADSCIQFTRHASDVLLNLNRLRSRDILTDVVIVVSREQFRAHKTVLMACSGLFYSIFTDQLKCNLSVINLDPEINPE
GFCILLDFMYTSRLNLREGNIMAVMATAMYLQMEHVVDTCRKFIKASE
;
A
2 'polypeptide(L)' (ACE)WVIPA D
#
loop_
_chem_comp.id
_chem_comp.type
_chem_comp.name
_chem_comp.formula
A1AB9 non-polymer 4-chloro-6-[(2-oxo-2,3-dihydro-1H-indol-5-yl)amino]pyrimidine-5-carbonitrile 'C13 H8 Cl N5 O'
ACE non-polymer 'ACETYL GROUP' 'C2 H4 O'
CL non-polymer 'CHLORIDE ION' 'Cl -1'
DMS non-polymer 'DIMETHYL SULFOXIDE' 'C2 H6 O S'
#
# COMPACT_ATOMS: atom_id res chain seq x y z
N ASP A 5 -17.03 -24.45 6.60
CA ASP A 5 -18.16 -24.46 5.67
C ASP A 5 -17.89 -25.33 4.42
N SER A 6 -18.88 -25.37 3.49
CA SER A 6 -18.82 -26.14 2.24
C SER A 6 -18.70 -25.21 0.99
N CYS A 7 -18.04 -24.04 1.15
N CYS A 7 -18.08 -24.05 1.13
CA CYS A 7 -17.82 -23.03 0.11
CA CYS A 7 -17.93 -23.09 0.05
C CYS A 7 -16.90 -23.52 -1.02
C CYS A 7 -16.96 -23.56 -1.05
N ILE A 8 -17.00 -22.88 -2.20
CA ILE A 8 -16.06 -23.08 -3.31
C ILE A 8 -15.33 -21.74 -3.35
N GLN A 9 -14.14 -21.68 -3.93
N GLN A 9 -14.07 -21.74 -3.82
CA GLN A 9 -13.41 -20.42 -3.94
CA GLN A 9 -13.22 -20.57 -3.88
C GLN A 9 -12.93 -20.12 -5.35
C GLN A 9 -12.82 -20.23 -5.30
N PHE A 10 -12.98 -18.84 -5.76
N PHE A 10 -12.91 -18.94 -5.65
CA PHE A 10 -12.49 -18.41 -7.07
CA PHE A 10 -12.49 -18.42 -6.94
C PHE A 10 -11.08 -17.90 -6.85
C PHE A 10 -11.06 -17.94 -6.74
N THR A 11 -10.10 -18.71 -7.27
CA THR A 11 -8.66 -18.45 -7.08
C THR A 11 -8.22 -16.99 -7.42
N ARG A 12 -8.64 -16.47 -8.58
CA ARG A 12 -8.21 -15.14 -9.04
C ARG A 12 -9.00 -13.95 -8.48
N HIS A 13 -10.01 -14.19 -7.63
CA HIS A 13 -10.88 -13.12 -7.16
C HIS A 13 -10.13 -11.98 -6.49
N ALA A 14 -9.28 -12.29 -5.49
CA ALA A 14 -8.54 -11.24 -4.74
C ALA A 14 -7.68 -10.37 -5.67
N SER A 15 -6.95 -11.01 -6.61
N SER A 15 -6.96 -11.02 -6.61
N SER A 15 -6.95 -11.01 -6.61
CA SER A 15 -6.12 -10.29 -7.58
CA SER A 15 -6.11 -10.33 -7.60
CA SER A 15 -6.12 -10.31 -7.59
C SER A 15 -6.95 -9.42 -8.52
C SER A 15 -6.96 -9.43 -8.52
C SER A 15 -6.95 -9.42 -8.52
N ASP A 16 -8.13 -9.92 -8.96
CA ASP A 16 -9.05 -9.16 -9.84
C ASP A 16 -9.61 -7.93 -9.08
N VAL A 17 -9.93 -8.11 -7.77
CA VAL A 17 -10.43 -6.99 -6.98
C VAL A 17 -9.34 -5.91 -6.91
N LEU A 18 -8.11 -6.32 -6.60
CA LEU A 18 -7.01 -5.37 -6.47
C LEU A 18 -6.72 -4.65 -7.79
N LEU A 19 -6.79 -5.38 -8.92
CA LEU A 19 -6.58 -4.80 -10.27
C LEU A 19 -7.63 -3.70 -10.51
N ASN A 20 -8.89 -3.97 -10.14
CA ASN A 20 -9.96 -2.98 -10.30
C ASN A 20 -9.77 -1.78 -9.38
N LEU A 21 -9.33 -2.04 -8.13
CA LEU A 21 -9.03 -0.94 -7.20
C LEU A 21 -7.93 -0.04 -7.76
N ASN A 22 -6.93 -0.65 -8.42
CA ASN A 22 -5.86 0.15 -9.03
C ASN A 22 -6.37 0.98 -10.21
N ARG A 23 -7.26 0.39 -11.04
CA ARG A 23 -7.90 1.08 -12.17
C ARG A 23 -8.71 2.28 -11.65
N LEU A 24 -9.48 2.09 -10.55
CA LEU A 24 -10.22 3.20 -9.96
C LEU A 24 -9.25 4.32 -9.53
N ARG A 25 -8.14 3.94 -8.86
CA ARG A 25 -7.14 4.92 -8.42
C ARG A 25 -6.57 5.70 -9.62
N SER A 26 -6.22 4.98 -10.72
CA SER A 26 -5.64 5.63 -11.91
C SER A 26 -6.59 6.65 -12.54
N ARG A 27 -7.91 6.42 -12.42
CA ARG A 27 -8.93 7.30 -12.98
C ARG A 27 -9.49 8.28 -11.95
N ASP A 28 -8.92 8.26 -10.74
CA ASP A 28 -9.29 9.13 -9.63
C ASP A 28 -10.76 8.94 -9.22
N ILE A 29 -11.25 7.68 -9.28
CA ILE A 29 -12.63 7.38 -8.97
C ILE A 29 -12.78 6.96 -7.51
N LEU A 30 -13.63 7.73 -6.77
N LEU A 30 -13.69 7.65 -6.76
CA LEU A 30 -13.97 7.57 -5.36
CA LEU A 30 -13.98 7.37 -5.34
C LEU A 30 -12.75 7.56 -4.42
C LEU A 30 -12.74 7.52 -4.40
N THR A 31 -11.66 8.20 -4.85
CA THR A 31 -10.49 8.44 -4.00
C THR A 31 -10.98 9.46 -2.97
N ASP A 32 -10.61 9.26 -1.69
CA ASP A 32 -11.15 10.06 -0.59
C ASP A 32 -10.08 10.69 0.29
N VAL A 33 -8.81 10.62 -0.13
CA VAL A 33 -7.74 11.24 0.66
C VAL A 33 -6.59 11.60 -0.26
N VAL A 34 -5.83 12.63 0.14
N VAL A 34 -5.84 12.65 0.10
CA VAL A 34 -4.60 13.09 -0.49
CA VAL A 34 -4.62 12.99 -0.57
C VAL A 34 -3.52 12.84 0.56
C VAL A 34 -3.49 12.91 0.47
N ILE A 35 -2.43 12.15 0.16
CA ILE A 35 -1.27 11.95 1.04
C ILE A 35 -0.24 12.93 0.53
N VAL A 36 0.17 13.87 1.39
CA VAL A 36 1.15 14.88 1.00
C VAL A 36 2.51 14.47 1.53
N VAL A 37 3.48 14.36 0.63
CA VAL A 37 4.86 13.95 0.95
C VAL A 37 5.76 15.04 0.39
N SER A 38 6.06 16.02 1.27
CA SER A 38 6.80 17.24 0.97
C SER A 38 6.13 17.98 -0.21
N ARG A 39 6.80 18.10 -1.36
CA ARG A 39 6.17 18.82 -2.49
C ARG A 39 5.22 17.95 -3.34
N GLU A 40 5.04 16.67 -2.99
CA GLU A 40 4.25 15.79 -3.82
C GLU A 40 2.94 15.35 -3.18
N GLN A 41 1.91 15.12 -4.01
CA GLN A 41 0.59 14.73 -3.53
C GLN A 41 0.18 13.43 -4.19
N PHE A 42 -0.45 12.53 -3.43
CA PHE A 42 -0.85 11.22 -3.96
C PHE A 42 -2.28 10.97 -3.55
N ARG A 43 -3.20 10.78 -4.53
CA ARG A 43 -4.60 10.50 -4.21
C ARG A 43 -4.79 9.00 -4.02
N ALA A 44 -5.58 8.60 -3.03
CA ALA A 44 -5.78 7.17 -2.77
C ALA A 44 -7.12 6.91 -2.12
N HIS A 45 -7.40 5.61 -1.86
CA HIS A 45 -8.61 5.21 -1.16
C HIS A 45 -8.16 4.88 0.28
N LYS A 46 -8.80 5.50 1.29
CA LYS A 46 -8.47 5.24 2.70
C LYS A 46 -8.50 3.74 3.04
N THR A 47 -9.51 3.01 2.55
CA THR A 47 -9.60 1.58 2.89
C THR A 47 -8.41 0.76 2.41
N VAL A 48 -7.90 1.05 1.20
CA VAL A 48 -6.75 0.32 0.67
C VAL A 48 -5.50 0.64 1.51
N LEU A 49 -5.30 1.93 1.82
CA LEU A 49 -4.16 2.34 2.66
C LEU A 49 -4.18 1.63 4.03
N MET A 50 -5.35 1.59 4.69
CA MET A 50 -5.51 0.90 5.96
C MET A 50 -5.25 -0.60 5.81
N ALA A 51 -5.73 -1.20 4.71
CA ALA A 51 -5.58 -2.64 4.46
C ALA A 51 -4.10 -3.07 4.24
N CYS A 52 -3.20 -2.09 3.94
CA CYS A 52 -1.80 -2.36 3.60
C CYS A 52 -0.78 -1.84 4.60
N SER A 53 -1.17 -0.92 5.47
CA SER A 53 -0.22 -0.17 6.31
C SER A 53 -0.71 -0.06 7.75
N GLY A 54 0.14 -0.43 8.71
CA GLY A 54 -0.18 -0.27 10.13
C GLY A 54 -0.35 1.19 10.51
N LEU A 55 0.44 2.08 9.88
CA LEU A 55 0.33 3.51 10.13
C LEU A 55 -1.05 4.05 9.65
N PHE A 56 -1.44 3.76 8.39
CA PHE A 56 -2.74 4.23 7.91
C PHE A 56 -3.90 3.57 8.64
N TYR A 57 -3.75 2.28 9.04
CA TYR A 57 -4.80 1.61 9.83
C TYR A 57 -5.05 2.41 11.15
N SER A 58 -3.96 2.82 11.83
N SER A 58 -3.97 2.81 11.83
CA SER A 58 -4.03 3.61 13.07
CA SER A 58 -4.03 3.59 13.05
C SER A 58 -4.62 5.00 12.85
C SER A 58 -4.68 4.95 12.80
N ILE A 59 -4.20 5.68 11.76
CA ILE A 59 -4.69 7.03 11.39
C ILE A 59 -6.19 7.04 11.09
N PHE A 60 -6.64 6.17 10.20
CA PHE A 60 -8.03 6.23 9.77
C PHE A 60 -9.00 5.50 10.70
N THR A 61 -8.51 4.86 11.79
CA THR A 61 -9.45 4.33 12.80
C THR A 61 -9.58 5.36 13.94
N ASP A 62 -8.77 6.44 13.88
CA ASP A 62 -8.85 7.52 14.86
C ASP A 62 -10.13 8.33 14.60
N GLN A 63 -10.94 8.54 15.65
CA GLN A 63 -12.22 9.24 15.59
C GLN A 63 -12.18 10.65 14.96
N LEU A 64 -11.03 11.38 15.03
CA LEU A 64 -10.88 12.69 14.37
C LEU A 64 -10.24 12.57 13.00
N LYS A 65 -9.12 11.82 12.90
CA LYS A 65 -8.36 11.72 11.66
C LYS A 65 -9.09 10.98 10.54
N CYS A 66 -10.03 10.08 10.89
CA CYS A 66 -10.83 9.32 9.91
C CYS A 66 -11.57 10.24 8.93
N ASN A 67 -11.89 11.48 9.36
CA ASN A 67 -12.63 12.49 8.60
C ASN A 67 -11.77 13.46 7.79
N LEU A 68 -10.45 13.37 7.91
CA LEU A 68 -9.56 14.26 7.18
C LEU A 68 -9.44 13.86 5.71
N SER A 69 -9.37 14.85 4.83
N SER A 69 -9.36 14.84 4.81
CA SER A 69 -9.25 14.67 3.38
CA SER A 69 -9.21 14.56 3.38
C SER A 69 -7.79 14.80 2.94
C SER A 69 -7.76 14.74 2.95
N VAL A 70 -6.92 15.32 3.83
CA VAL A 70 -5.48 15.52 3.57
C VAL A 70 -4.69 14.98 4.77
N ILE A 71 -3.64 14.20 4.49
CA ILE A 71 -2.75 13.66 5.52
C ILE A 71 -1.34 14.05 5.11
N ASN A 72 -0.61 14.73 6.01
CA ASN A 72 0.75 15.15 5.73
C ASN A 72 1.73 14.20 6.38
N LEU A 73 2.59 13.57 5.58
CA LEU A 73 3.60 12.67 6.13
C LEU A 73 4.81 13.44 6.67
N ASP A 74 5.60 12.75 7.52
CA ASP A 74 6.83 13.30 8.13
C ASP A 74 7.74 13.84 7.00
N PRO A 75 8.34 15.04 7.17
CA PRO A 75 9.20 15.60 6.10
C PRO A 75 10.41 14.77 5.72
N GLU A 76 10.81 13.78 6.54
CA GLU A 76 11.95 12.91 6.21
C GLU A 76 11.56 11.86 5.17
N ILE A 77 10.25 11.66 4.93
CA ILE A 77 9.77 10.65 3.97
C ILE A 77 10.03 11.08 2.54
N ASN A 78 10.69 10.19 1.80
CA ASN A 78 11.03 10.41 0.40
C ASN A 78 9.81 10.17 -0.51
N PRO A 79 9.40 11.14 -1.37
CA PRO A 79 8.23 10.93 -2.25
C PRO A 79 8.35 9.73 -3.19
N GLU A 80 9.55 9.48 -3.76
CA GLU A 80 9.71 8.32 -4.65
C GLU A 80 9.51 7.02 -3.88
N GLY A 81 10.06 6.94 -2.66
CA GLY A 81 9.88 5.79 -1.79
C GLY A 81 8.39 5.59 -1.51
N PHE A 82 7.67 6.68 -1.21
CA PHE A 82 6.23 6.58 -0.97
C PHE A 82 5.49 6.10 -2.23
N CYS A 83 5.83 6.66 -3.39
CA CYS A 83 5.22 6.30 -4.68
C CYS A 83 5.37 4.79 -4.95
N ILE A 84 6.60 4.24 -4.78
CA ILE A 84 6.89 2.81 -4.97
C ILE A 84 6.02 1.96 -4.04
N LEU A 85 5.89 2.39 -2.78
CA LEU A 85 5.06 1.65 -1.82
C LEU A 85 3.57 1.76 -2.10
N LEU A 86 3.09 2.96 -2.52
CA LEU A 86 1.68 3.12 -2.89
C LEU A 86 1.37 2.20 -4.09
N ASP A 87 2.28 2.13 -5.09
CA ASP A 87 2.10 1.21 -6.22
C ASP A 87 2.03 -0.24 -5.75
N PHE A 88 2.92 -0.63 -4.83
CA PHE A 88 2.91 -1.98 -4.25
C PHE A 88 1.55 -2.26 -3.58
N MET A 89 1.04 -1.31 -2.80
CA MET A 89 -0.25 -1.52 -2.13
C MET A 89 -1.34 -1.91 -3.11
N TYR A 90 -1.38 -1.21 -4.27
CA TYR A 90 -2.43 -1.43 -5.28
C TYR A 90 -2.14 -2.52 -6.29
N THR A 91 -0.92 -3.10 -6.27
CA THR A 91 -0.57 -4.09 -7.30
C THR A 91 0.08 -5.39 -6.84
N SER A 92 0.65 -5.43 -5.59
CA SER A 92 1.46 -6.55 -5.05
C SER A 92 2.90 -6.55 -5.63
N ARG A 93 3.22 -5.62 -6.57
N ARG A 93 3.21 -5.59 -6.54
CA ARG A 93 4.55 -5.54 -7.17
CA ARG A 93 4.51 -5.47 -7.21
C ARG A 93 5.37 -4.41 -6.59
C ARG A 93 5.36 -4.38 -6.58
N LEU A 94 6.59 -4.73 -6.16
CA LEU A 94 7.51 -3.76 -5.55
C LEU A 94 8.69 -3.50 -6.48
N ASN A 95 8.86 -2.24 -6.89
CA ASN A 95 9.94 -1.85 -7.77
C ASN A 95 11.18 -1.55 -6.91
N LEU A 96 11.84 -2.62 -6.45
CA LEU A 96 13.00 -2.51 -5.57
C LEU A 96 14.30 -2.49 -6.37
N ARG A 97 15.08 -1.41 -6.22
CA ARG A 97 16.33 -1.22 -6.98
C ARG A 97 17.45 -0.77 -6.05
N GLU A 98 18.72 -0.99 -6.44
CA GLU A 98 19.85 -0.55 -5.63
C GLU A 98 19.75 0.95 -5.29
N GLY A 99 19.28 1.75 -6.25
CA GLY A 99 19.16 3.19 -6.10
C GLY A 99 18.02 3.68 -5.22
N ASN A 100 17.05 2.81 -4.91
CA ASN A 100 15.92 3.24 -4.09
C ASN A 100 15.71 2.42 -2.82
N ILE A 101 16.47 1.30 -2.64
CA ILE A 101 16.22 0.36 -1.52
C ILE A 101 16.26 1.03 -0.13
N MET A 102 17.24 1.90 0.13
CA MET A 102 17.30 2.56 1.44
C MET A 102 16.05 3.41 1.70
N ALA A 103 15.59 4.20 0.70
CA ALA A 103 14.38 5.04 0.81
C ALA A 103 13.13 4.17 0.98
N VAL A 104 13.03 3.08 0.19
CA VAL A 104 11.89 2.15 0.29
C VAL A 104 11.81 1.54 1.67
N MET A 105 12.94 1.05 2.20
CA MET A 105 12.94 0.43 3.53
C MET A 105 12.55 1.43 4.61
N ALA A 106 13.12 2.64 4.61
CA ALA A 106 12.79 3.67 5.60
C ALA A 106 11.31 4.03 5.54
N THR A 107 10.75 4.16 4.32
CA THR A 107 9.33 4.47 4.13
C THR A 107 8.45 3.31 4.63
N ALA A 108 8.83 2.05 4.30
CA ALA A 108 8.07 0.86 4.74
C ALA A 108 8.08 0.75 6.27
N MET A 109 9.22 1.08 6.93
CA MET A 109 9.30 1.08 8.40
C MET A 109 8.31 2.09 8.99
N TYR A 110 8.29 3.31 8.44
CA TYR A 110 7.41 4.40 8.88
C TYR A 110 5.95 4.01 8.67
N LEU A 111 5.64 3.46 7.48
CA LEU A 111 4.25 3.06 7.15
C LEU A 111 3.83 1.75 7.82
N GLN A 112 4.78 1.04 8.47
CA GLN A 112 4.50 -0.22 9.16
C GLN A 112 4.00 -1.28 8.17
N MET A 113 4.85 -1.61 7.19
CA MET A 113 4.57 -2.60 6.15
C MET A 113 5.68 -3.66 6.31
N GLU A 114 5.49 -4.57 7.29
CA GLU A 114 6.47 -5.58 7.74
C GLU A 114 7.07 -6.46 6.64
N HIS A 115 6.24 -6.95 5.70
CA HIS A 115 6.76 -7.82 4.64
C HIS A 115 7.73 -7.10 3.70
N VAL A 116 7.47 -5.79 3.41
CA VAL A 116 8.37 -4.98 2.59
C VAL A 116 9.67 -4.76 3.35
N VAL A 117 9.59 -4.38 4.65
CA VAL A 117 10.79 -4.20 5.50
C VAL A 117 11.65 -5.47 5.48
N ASP A 118 11.07 -6.65 5.80
N ASP A 118 11.00 -6.65 5.58
CA ASP A 118 11.81 -7.92 5.88
CA ASP A 118 11.66 -7.96 5.55
C ASP A 118 12.60 -8.27 4.61
C ASP A 118 12.44 -8.19 4.26
N THR A 119 12.02 -7.98 3.44
N THR A 119 11.80 -8.02 3.07
CA THR A 119 12.63 -8.24 2.12
CA THR A 119 12.55 -8.25 1.81
C THR A 119 13.75 -7.28 1.83
C THR A 119 13.68 -7.22 1.60
N CYS A 120 13.53 -5.98 2.14
CA CYS A 120 14.56 -4.93 1.99
C CYS A 120 15.76 -5.32 2.81
N ARG A 121 15.53 -5.79 4.07
CA ARG A 121 16.61 -6.24 4.96
C ARG A 121 17.40 -7.39 4.31
N LYS A 122 16.68 -8.36 3.72
CA LYS A 122 17.27 -9.53 3.05
C LYS A 122 18.10 -9.12 1.83
N PHE A 123 17.56 -8.21 0.98
CA PHE A 123 18.30 -7.72 -0.21
C PHE A 123 19.55 -6.94 0.21
N ILE A 124 19.46 -6.17 1.32
CA ILE A 124 20.62 -5.41 1.83
C ILE A 124 21.69 -6.35 2.38
N LYS A 125 21.29 -7.34 3.20
CA LYS A 125 22.21 -8.33 3.77
C LYS A 125 22.97 -9.09 2.68
N ALA A 126 22.30 -9.43 1.55
CA ALA A 126 22.93 -10.14 0.43
C ALA A 126 24.02 -9.29 -0.27
N SER A 127 23.91 -7.95 -0.25
CA SER A 127 24.86 -7.05 -0.90
C SER A 127 26.07 -6.64 -0.02
N GLU A 128 26.06 -7.04 1.27
CA GLU A 128 27.17 -6.72 2.18
C GLU A 128 28.16 -7.89 2.35
C ACE B 1 -11.49 -21.24 -10.42
O ACE B 1 -11.02 -20.57 -9.50
CH3 ACE B 1 -10.97 -21.07 -11.87
N TRP B 2 -12.43 -22.18 -10.24
N TRP B 2 -12.46 -22.15 -10.26
CA TRP B 2 -13.02 -22.48 -8.94
CA TRP B 2 -13.04 -22.48 -8.95
C TRP B 2 -12.38 -23.73 -8.35
C TRP B 2 -12.31 -23.68 -8.36
N VAL B 3 -12.17 -23.72 -7.03
CA VAL B 3 -11.52 -24.83 -6.30
C VAL B 3 -12.24 -25.08 -4.98
N ILE B 4 -11.91 -26.22 -4.35
CA ILE B 4 -12.33 -26.57 -2.99
C ILE B 4 -11.21 -25.96 -2.12
N PRO B 5 -11.48 -24.90 -1.33
CA PRO B 5 -10.38 -24.27 -0.56
C PRO B 5 -9.90 -25.10 0.62
N ALA B 6 -8.61 -24.93 0.98
N1 A1AB9 C . -4.24 -3.48 8.52
C4 A1AB9 C . -2.88 -3.38 8.78
C5 A1AB9 C . -2.42 -3.30 10.10
C6 A1AB9 C . -1.08 -3.51 10.39
C8 A1AB9 C . 1.61 -4.51 8.17
C10 A1AB9 C . -0.67 -3.96 8.03
C2 A1AB9 C . -7.04 -2.95 8.17
C3 A1AB9 C . -5.15 -4.09 9.33
C9 A1AB9 C . 0.46 -4.45 7.20
C11 A1AB9 C . -2.02 -3.75 7.76
C12 A1AB9 C . -5.62 -5.66 10.91
O A1AB9 C . 2.75 -4.86 7.94
N2 A1AB9 C . 1.14 -4.12 9.39
C7 A1AB9 C . -0.22 -3.83 9.34
C1 A1AB9 C . -6.53 -3.83 9.19
N A1AB9 C . -7.50 -2.25 7.39
N3 A1AB9 C . -4.70 -5.02 10.20
N4 A1AB9 C . -6.95 -5.49 10.88
C A1AB9 C . -7.36 -4.58 10.01
CL A1AB9 C . -9.04 -4.34 9.92
CL CL D . 3.79 -5.37 3.42
CL CL E . -8.73 17.94 5.80
S DMS F . -15.31 -27.77 -7.73
O DMS F . -14.01 -28.38 -7.46
C1 DMS F . -14.98 -26.04 -7.50
C2 DMS F . -15.41 -27.79 -9.49
#